data_1OEW
#
_entry.id   1OEW
#
_cell.length_a   42.720
_cell.length_b   74.660
_cell.length_c   42.550
_cell.angle_alpha   90.00
_cell.angle_beta   97.27
_cell.angle_gamma   90.00
#
_symmetry.space_group_name_H-M   'P 1 21 1'
#
loop_
_entity.id
_entity.type
_entity.pdbx_description
1 polymer ENDOTHIAPEPSIN
2 non-polymer SERINE
3 non-polymer THREONINE
4 non-polymer GLYCEROL
5 non-polymer 'SULFATE ION'
6 water water
#
_entity_poly.entity_id   1
_entity_poly.type   'polypeptide(L)'
_entity_poly.pdbx_seq_one_letter_code
;STGSATTTPIDSLDDAYITPVQIGTPAQTLNLDFDTGSSDLWVFSSETTASEV(SUI)QTIYTPSKSTTAKLLSGATWSI
SYGDGSSSSGDVYTDTVSVGGLTVTGQAVESAKKVSSSFTEDSTIDGLLGLAFSTLNTVSPTQQKTFFDNAKASLDSPVF
TADLGYHAPGTYNFGFIDTTAYTGSITYTAVSTKQGFWEWTSTGYAVGSGTFKSTSIDGIADTGTTLLYLPATVVSAYWA
QVSGAKSSSSVGGYVFPCSATLPSFTFGVGSARIVIPGDYIDFGPISTGSSSCFGGIQSSAGIGINIFGDVALKAAFVVF
NGATTPTLGFASK
;
_entity_poly.pdbx_strand_id   A
#
# COMPACT_ATOMS: atom_id res chain seq x y z
N SER A 1 -9.08 2.35 22.36
CA SER A 1 -8.46 3.52 21.68
C SER A 1 -8.67 3.45 20.17
N THR A 2 -8.47 4.59 19.52
CA THR A 2 -8.53 4.69 18.08
C THR A 2 -7.43 5.66 17.61
N GLY A 3 -7.19 5.62 16.32
CA GLY A 3 -6.37 6.65 15.65
C GLY A 3 -6.96 7.02 14.31
N SER A 4 -6.68 8.21 13.83
CA SER A 4 -7.12 8.65 12.52
C SER A 4 -6.08 9.60 11.96
N ALA A 5 -5.48 9.27 10.83
CA ALA A 5 -4.41 10.05 10.23
C ALA A 5 -4.72 10.34 8.76
N THR A 6 -4.32 11.51 8.30
CA THR A 6 -4.44 11.88 6.92
C THR A 6 -3.29 11.35 6.11
N THR A 7 -3.61 10.74 4.96
CA THR A 7 -2.63 10.24 4.02
C THR A 7 -2.70 11.02 2.73
N THR A 8 -1.55 11.43 2.19
CA THR A 8 -1.46 12.36 1.09
C THR A 8 -0.62 11.79 -0.05
N PRO A 9 -1.04 11.95 -1.30
CA PRO A 9 -0.18 11.50 -2.40
C PRO A 9 1.16 12.24 -2.36
N ILE A 10 2.23 11.56 -2.71
CA ILE A 10 3.55 12.15 -2.69
C ILE A 10 3.79 13.09 -3.88
N ASP A 11 3.00 12.94 -4.94
CA ASP A 11 3.24 13.62 -6.20
C ASP A 11 1.92 13.70 -6.97
N SER A 12 1.95 14.32 -8.14
CA SER A 12 0.79 14.56 -8.96
C SER A 12 0.21 13.30 -9.59
N LEU A 13 0.98 12.20 -9.58
CA LEU A 13 0.56 10.94 -10.19
C LEU A 13 -0.01 9.94 -9.19
N ASP A 14 -0.07 10.22 -7.92
CA ASP A 14 -0.43 9.22 -6.91
C ASP A 14 0.54 8.03 -6.91
N ASP A 15 1.84 8.31 -7.04
CA ASP A 15 2.79 7.23 -7.06
C ASP A 15 2.82 6.45 -5.76
N ALA A 16 2.58 7.14 -4.66
CA ALA A 16 2.54 6.57 -3.32
C ALA A 16 1.89 7.59 -2.43
N TYR A 17 1.61 7.18 -1.18
CA TYR A 17 0.94 8.00 -0.21
C TYR A 17 1.82 8.04 1.02
N ILE A 18 1.87 9.20 1.68
CA ILE A 18 2.58 9.36 2.95
C ILE A 18 1.60 9.76 4.04
N THR A 19 1.95 9.28 5.25
CA THR A 19 1.14 9.48 6.45
C THR A 19 2.10 9.87 7.56
N PRO A 20 1.78 10.90 8.37
CA PRO A 20 2.69 11.26 9.45
C PRO A 20 2.68 10.21 10.55
N VAL A 21 3.86 9.99 11.14
CA VAL A 21 4.07 9.05 12.21
C VAL A 21 4.96 9.73 13.25
N GLN A 22 4.55 9.70 14.51
CA GLN A 22 5.33 10.27 15.61
C GLN A 22 6.13 9.18 16.29
N ILE A 23 7.44 9.33 16.33
CA ILE A 23 8.34 8.33 16.88
C ILE A 23 9.14 8.94 18.04
N GLY A 24 9.15 8.29 19.20
CA GLY A 24 10.02 8.70 20.28
C GLY A 24 9.45 9.76 21.18
N THR A 25 10.28 10.13 22.15
CA THR A 25 9.93 11.09 23.18
C THR A 25 11.07 12.10 23.35
N PRO A 26 10.85 13.38 23.07
CA PRO A 26 9.67 13.98 22.46
C PRO A 26 9.45 13.43 21.04
N ALA A 27 8.23 13.52 20.54
CA ALA A 27 7.93 12.95 19.25
C ALA A 27 8.76 13.58 18.13
N GLN A 28 9.25 12.70 17.26
CA GLN A 28 9.89 13.05 16.00
C GLN A 28 8.91 12.66 14.90
N THR A 29 8.43 13.62 14.11
CA THR A 29 7.42 13.32 13.10
C THR A 29 8.13 13.04 11.78
N LEU A 30 7.87 11.82 11.25
CA LEU A 30 8.35 11.37 9.95
C LEU A 30 7.13 11.06 9.06
N ASN A 31 7.26 11.24 7.75
CA ASN A 31 6.22 10.86 6.82
C ASN A 31 6.57 9.50 6.22
N LEU A 32 5.76 8.50 6.57
CA LEU A 32 6.03 7.12 6.20
C LEU A 32 5.01 6.64 5.17
N ASP A 33 5.47 5.69 4.34
CA ASP A 33 4.63 5.02 3.35
C ASP A 33 4.00 3.80 4.02
N PHE A 34 2.69 3.84 4.27
CA PHE A 34 1.97 2.76 4.89
C PHE A 34 1.78 1.66 3.85
N ASP A 35 2.29 0.47 4.13
CA ASP A 35 2.42 -0.56 3.09
C ASP A 35 1.81 -1.87 3.58
N THR A 36 0.57 -2.17 3.11
CA THR A 36 -0.07 -3.43 3.47
C THR A 36 0.55 -4.63 2.75
N GLY A 37 1.57 -4.44 1.93
CA GLY A 37 2.33 -5.50 1.31
C GLY A 37 3.67 -5.83 1.95
N SER A 38 3.98 -5.27 3.12
CA SER A 38 5.23 -5.59 3.83
C SER A 38 4.98 -5.38 5.31
N SER A 39 6.00 -5.73 6.14
CA SER A 39 5.74 -5.88 7.55
C SER A 39 6.87 -5.31 8.45
N ASP A 40 7.62 -4.36 7.89
CA ASP A 40 8.69 -3.67 8.62
C ASP A 40 8.34 -2.20 8.75
N LEU A 41 8.60 -1.64 9.96
CA LEU A 41 8.53 -0.19 10.20
C LEU A 41 10.02 0.21 10.22
N TRP A 42 10.48 0.81 9.13
CA TRP A 42 11.90 1.22 9.05
C TRP A 42 11.94 2.69 8.64
N VAL A 43 13.01 3.35 9.12
CA VAL A 43 13.15 4.79 8.92
C VAL A 43 14.56 5.18 8.55
N PHE A 44 14.65 6.26 7.75
CA PHE A 44 15.91 7.02 7.67
C PHE A 44 16.27 7.48 9.07
N SER A 45 17.58 7.51 9.38
CA SER A 45 18.00 7.74 10.75
C SER A 45 19.32 8.48 10.77
N SER A 46 19.66 8.90 12.01
CA SER A 46 21.03 9.39 12.27
C SER A 46 22.11 8.36 11.98
N GLU A 47 21.80 7.11 11.90
CA GLU A 47 22.68 6.02 11.56
C GLU A 47 22.89 5.85 10.08
N THR A 48 22.01 6.41 9.26
CA THR A 48 22.09 6.14 7.80
C THR A 48 23.32 6.81 7.22
N THR A 49 24.04 6.09 6.39
CA THR A 49 25.21 6.62 5.67
C THR A 49 24.88 7.99 5.10
N ALA A 50 25.67 9.02 5.43
CA ALA A 50 25.28 10.39 5.14
C ALA A 50 25.06 10.62 3.66
N SER A 51 25.93 10.04 2.81
CA SER A 51 25.80 10.22 1.37
C SER A 51 24.51 9.63 0.77
N GLU A 52 23.84 8.77 1.54
CA GLU A 52 22.58 8.13 1.13
C GLU A 52 21.34 8.84 1.66
N VAL A 53 21.52 9.88 2.45
CA VAL A 53 20.44 10.73 2.93
C VAL A 53 20.37 11.97 2.10
N GLN A 55 15.23 13.78 3.19
CA GLN A 55 14.36 13.12 4.11
C GLN A 55 14.55 13.65 5.55
N THR A 56 13.50 13.54 6.32
CA THR A 56 13.57 13.72 7.77
C THR A 56 14.03 12.42 8.41
N ILE A 57 14.94 12.52 9.36
CA ILE A 57 15.53 11.37 10.00
C ILE A 57 15.06 11.22 11.45
N TYR A 58 15.03 9.95 11.90
CA TYR A 58 14.88 9.59 13.30
C TYR A 58 16.25 9.51 13.98
N THR A 59 16.39 10.18 15.13
CA THR A 59 17.63 10.13 15.93
C THR A 59 17.31 9.41 17.24
N PRO A 60 17.65 8.13 17.40
CA PRO A 60 17.26 7.42 18.62
C PRO A 60 17.89 8.05 19.87
N SER A 61 19.09 8.60 19.76
CA SER A 61 19.75 9.17 20.92
C SER A 61 19.10 10.44 21.42
N LYS A 62 18.11 11.00 20.68
CA LYS A 62 17.33 12.10 21.16
C LYS A 62 15.98 11.69 21.74
N SER A 63 15.67 10.39 21.77
CA SER A 63 14.42 9.88 22.31
C SER A 63 14.67 9.20 23.66
N THR A 64 14.02 9.71 24.66
CA THR A 64 14.21 9.15 26.01
C THR A 64 13.65 7.74 26.12
N THR A 65 12.74 7.36 25.27
CA THR A 65 12.01 6.07 25.31
C THR A 65 12.66 5.04 24.38
N ALA A 66 13.64 5.38 23.59
CA ALA A 66 14.29 4.42 22.69
C ALA A 66 15.16 3.43 23.46
N LYS A 67 15.03 2.16 23.09
CA LYS A 67 15.81 1.08 23.65
C LYS A 67 16.41 0.30 22.49
N LEU A 68 17.70 0.07 22.48
CA LEU A 68 18.34 -0.82 21.48
C LEU A 68 17.88 -2.25 21.72
N LEU A 69 17.42 -2.93 20.66
CA LEU A 69 17.09 -4.35 20.74
C LEU A 69 18.37 -5.13 20.49
N SER A 70 19.01 -5.60 21.53
CA SER A 70 20.36 -6.10 21.42
C SER A 70 20.43 -7.29 20.46
N GLY A 71 21.42 -7.26 19.61
CA GLY A 71 21.70 -8.37 18.67
C GLY A 71 20.78 -8.42 17.47
N ALA A 72 19.80 -7.50 17.36
CA ALA A 72 18.83 -7.61 16.26
C ALA A 72 19.28 -6.81 15.06
N THR A 73 19.07 -7.39 13.86
CA THR A 73 19.35 -6.72 12.61
C THR A 73 18.20 -6.96 11.64
N TRP A 74 18.15 -6.20 10.56
CA TRP A 74 17.09 -6.33 9.56
C TRP A 74 17.68 -6.03 8.19
N SER A 75 17.01 -6.54 7.17
CA SER A 75 17.40 -6.35 5.78
C SER A 75 16.19 -6.70 4.92
N ILE A 76 15.77 -5.80 4.09
CA ILE A 76 14.55 -5.97 3.29
C ILE A 76 14.81 -5.57 1.85
N SER A 77 14.09 -6.22 0.93
CA SER A 77 14.06 -5.82 -0.45
C SER A 77 12.60 -5.91 -0.94
N TYR A 78 12.24 -5.04 -1.85
CA TYR A 78 10.89 -4.96 -2.34
C TYR A 78 10.84 -5.38 -3.78
N GLY A 79 9.61 -5.54 -4.30
CA GLY A 79 9.39 -6.01 -5.65
C GLY A 79 10.06 -5.20 -6.73
N ASP A 80 10.27 -3.92 -6.49
CA ASP A 80 10.90 -3.02 -7.46
C ASP A 80 12.42 -3.10 -7.45
N GLY A 81 12.94 -3.95 -6.55
CA GLY A 81 14.35 -4.11 -6.40
C GLY A 81 15.01 -3.18 -5.42
N SER A 82 14.30 -2.31 -4.73
CA SER A 82 14.82 -1.42 -3.68
C SER A 82 15.12 -2.16 -2.40
N SER A 83 15.98 -1.61 -1.53
CA SER A 83 16.40 -2.34 -0.31
C SER A 83 16.96 -1.38 0.75
N SER A 84 17.05 -1.89 1.97
CA SER A 84 17.59 -1.16 3.08
C SER A 84 17.94 -2.18 4.18
N SER A 85 18.73 -1.77 5.16
CA SER A 85 19.09 -2.66 6.26
C SER A 85 19.60 -1.84 7.43
N GLY A 86 19.69 -2.46 8.61
CA GLY A 86 20.21 -1.77 9.77
C GLY A 86 19.98 -2.52 11.07
N ASP A 87 19.85 -1.76 12.14
CA ASP A 87 19.64 -2.29 13.50
C ASP A 87 18.29 -1.85 14.02
N VAL A 88 17.96 -2.20 15.27
CA VAL A 88 16.57 -2.13 15.73
C VAL A 88 16.49 -1.50 17.10
N TYR A 89 15.58 -0.55 17.25
CA TYR A 89 15.22 0.02 18.53
C TYR A 89 13.76 -0.36 18.79
N THR A 90 13.37 -0.38 20.06
CA THR A 90 11.95 -0.26 20.40
C THR A 90 11.73 1.16 20.89
N ASP A 91 10.57 1.72 20.57
CA ASP A 91 10.25 3.08 20.98
C ASP A 91 8.71 3.25 20.93
N THR A 92 8.27 4.41 21.45
CA THR A 92 6.88 4.79 21.38
C THR A 92 6.57 5.32 19.99
N VAL A 93 5.52 4.80 19.38
CA VAL A 93 5.10 5.20 18.04
C VAL A 93 3.61 5.57 18.07
N SER A 94 3.28 6.74 17.56
CA SER A 94 1.88 7.15 17.50
C SER A 94 1.50 7.45 16.04
N VAL A 95 0.28 7.01 15.67
CA VAL A 95 -0.30 7.28 14.38
C VAL A 95 -1.69 7.85 14.59
N GLY A 96 -1.90 9.10 14.20
CA GLY A 96 -3.27 9.66 14.27
C GLY A 96 -3.81 9.68 15.67
N GLY A 97 -2.95 9.80 16.70
CA GLY A 97 -3.40 9.82 18.07
C GLY A 97 -3.44 8.48 18.76
N LEU A 98 -3.19 7.39 18.06
CA LEU A 98 -3.12 6.05 18.62
C LEU A 98 -1.66 5.75 18.98
N THR A 99 -1.36 5.52 20.24
CA THR A 99 0.00 5.30 20.71
C THR A 99 0.25 3.84 21.04
N VAL A 100 1.37 3.32 20.55
CA VAL A 100 1.87 2.01 20.86
C VAL A 100 3.22 2.17 21.57
N THR A 101 3.43 1.52 22.66
CA THR A 101 4.73 1.49 23.33
C THR A 101 5.43 0.18 22.93
N GLY A 102 6.77 0.27 22.91
CA GLY A 102 7.54 -0.90 22.59
C GLY A 102 7.50 -1.36 21.15
N GLN A 103 7.19 -0.46 20.23
CA GLN A 103 7.17 -0.80 18.82
C GLN A 103 8.58 -0.92 18.28
N ALA A 104 8.88 -1.97 17.49
CA ALA A 104 10.15 -2.05 16.83
C ALA A 104 10.25 -1.01 15.73
N VAL A 105 11.26 -0.15 15.82
CA VAL A 105 11.59 0.87 14.86
C VAL A 105 12.95 0.48 14.27
N GLU A 106 12.94 0.10 13.00
CA GLU A 106 14.11 -0.42 12.32
C GLU A 106 14.87 0.78 11.73
N SER A 107 16.06 1.01 12.29
CA SER A 107 16.86 2.18 11.92
C SER A 107 17.80 1.80 10.78
N ALA A 108 17.69 2.51 9.64
CA ALA A 108 18.49 2.17 8.50
C ALA A 108 19.96 2.63 8.68
N LYS A 109 20.86 1.70 8.50
CA LYS A 109 22.26 2.02 8.31
C LYS A 109 22.54 2.41 6.89
N LYS A 110 21.81 1.84 5.95
CA LYS A 110 22.00 2.05 4.52
C LYS A 110 20.62 1.97 3.85
N VAL A 111 20.46 2.70 2.76
CA VAL A 111 19.26 2.64 1.92
C VAL A 111 19.68 2.63 0.46
N SER A 112 18.88 2.01 -0.40
CA SER A 112 19.15 1.97 -1.84
C SER A 112 18.82 3.27 -2.51
N SER A 113 19.26 3.40 -3.74
CA SER A 113 19.25 4.65 -4.44
C SER A 113 17.82 5.19 -4.63
N SER A 114 16.84 4.30 -4.91
CA SER A 114 15.48 4.81 -5.11
C SER A 114 14.94 5.50 -3.84
N PHE A 115 15.33 5.01 -2.66
CA PHE A 115 14.93 5.68 -1.45
C PHE A 115 15.62 7.03 -1.29
N THR A 116 16.92 7.10 -1.55
CA THR A 116 17.64 8.37 -1.46
C THR A 116 17.00 9.41 -2.38
N GLU A 117 16.60 8.99 -3.58
CA GLU A 117 16.11 9.86 -4.64
C GLU A 117 14.72 10.37 -4.34
N ASP A 118 13.99 9.77 -3.43
CA ASP A 118 12.65 10.26 -3.15
C ASP A 118 12.60 11.01 -1.85
N SER A 119 12.58 12.31 -1.97
CA SER A 119 12.69 13.17 -0.81
C SER A 119 11.47 13.10 0.09
N THR A 120 10.34 12.62 -0.40
CA THR A 120 9.07 12.72 0.29
C THR A 120 8.82 11.59 1.28
N ILE A 121 9.55 10.47 1.15
CA ILE A 121 9.29 9.27 1.95
C ILE A 121 10.45 9.08 2.91
N ASP A 122 10.12 9.14 4.23
CA ASP A 122 11.12 9.04 5.29
C ASP A 122 11.29 7.60 5.81
N GLY A 123 10.54 6.66 5.24
CA GLY A 123 10.57 5.26 5.65
C GLY A 123 9.21 4.62 5.34
N LEU A 124 9.08 3.37 5.79
CA LEU A 124 7.92 2.53 5.52
C LEU A 124 7.32 2.10 6.85
N LEU A 125 5.97 1.97 6.85
CA LEU A 125 5.26 1.35 7.98
C LEU A 125 4.48 0.18 7.44
N GLY A 126 4.98 -1.03 7.66
CA GLY A 126 4.37 -2.24 7.14
C GLY A 126 3.14 -2.66 7.91
N LEU A 127 2.13 -3.11 7.16
CA LEU A 127 0.85 -3.50 7.70
C LEU A 127 0.39 -4.88 7.19
N ALA A 128 1.27 -5.63 6.55
CA ALA A 128 1.00 -7.05 6.26
C ALA A 128 1.19 -7.86 7.54
N PHE A 129 1.19 -9.20 7.44
CA PHE A 129 1.25 -10.02 8.65
C PHE A 129 2.68 -10.09 9.15
N SER A 130 2.82 -10.22 10.47
CA SER A 130 4.14 -10.10 11.09
C SER A 130 5.09 -11.19 10.68
N THR A 131 4.59 -12.33 10.17
CA THR A 131 5.47 -13.36 9.62
C THR A 131 6.35 -12.88 8.47
N LEU A 132 6.09 -11.73 7.85
CA LEU A 132 6.98 -11.21 6.81
C LEU A 132 8.03 -10.26 7.35
N ASN A 133 8.01 -9.96 8.65
CA ASN A 133 8.98 -9.00 9.18
C ASN A 133 10.40 -9.53 9.02
N THR A 134 11.36 -8.65 8.71
CA THR A 134 12.70 -9.10 8.39
C THR A 134 13.69 -9.05 9.56
N VAL A 135 13.25 -8.68 10.75
CA VAL A 135 14.20 -8.66 11.89
C VAL A 135 14.60 -10.06 12.27
N SER A 136 15.90 -10.20 12.55
CA SER A 136 16.51 -11.45 13.01
C SER A 136 17.33 -11.13 14.25
N PRO A 137 17.43 -12.07 15.20
CA PRO A 137 16.92 -13.45 15.12
C PRO A 137 15.44 -13.64 15.39
N THR A 138 14.80 -12.74 16.08
CA THR A 138 13.36 -12.84 16.40
C THR A 138 12.62 -11.75 15.64
N GLN A 139 11.64 -12.16 14.83
CA GLN A 139 10.84 -11.21 14.10
C GLN A 139 10.05 -10.32 15.04
N GLN A 140 9.75 -9.12 14.56
CA GLN A 140 9.05 -8.09 15.32
C GLN A 140 7.64 -7.89 14.76
N LYS A 141 6.73 -7.49 15.67
CA LYS A 141 5.34 -7.26 15.32
C LYS A 141 5.16 -5.91 14.64
N THR A 142 4.16 -5.87 13.75
CA THR A 142 3.76 -4.64 13.12
C THR A 142 3.07 -3.68 14.13
N PHE A 143 2.99 -2.40 13.72
CA PHE A 143 2.26 -1.42 14.51
C PHE A 143 0.85 -1.88 14.80
N PHE A 144 0.17 -2.41 13.74
CA PHE A 144 -1.20 -2.88 13.93
C PHE A 144 -1.27 -4.02 14.92
N ASP A 145 -0.42 -5.01 14.81
CA ASP A 145 -0.40 -6.16 15.72
C ASP A 145 -0.19 -5.65 17.14
N ASN A 146 0.73 -4.74 17.37
CA ASN A 146 0.93 -4.19 18.71
C ASN A 146 -0.24 -3.38 19.23
N ALA A 147 -1.00 -2.75 18.35
CA ALA A 147 -2.13 -1.92 18.74
C ALA A 147 -3.37 -2.70 19.10
N LYS A 148 -3.51 -3.95 18.62
CA LYS A 148 -4.79 -4.65 18.72
C LYS A 148 -5.30 -4.76 20.14
N ALA A 149 -4.44 -5.02 21.11
CA ALA A 149 -4.92 -5.14 22.49
C ALA A 149 -5.66 -3.90 22.97
N SER A 150 -5.26 -2.72 22.54
CA SER A 150 -5.89 -1.49 23.00
C SER A 150 -6.97 -1.01 22.09
N LEU A 151 -7.06 -1.42 20.84
CA LEU A 151 -8.00 -0.84 19.90
C LEU A 151 -9.45 -1.13 20.25
N ASP A 152 -10.33 -0.20 19.92
CA ASP A 152 -11.77 -0.44 20.12
C ASP A 152 -12.28 -1.67 19.34
N SER A 153 -11.68 -1.96 18.21
CA SER A 153 -11.96 -3.11 17.36
C SER A 153 -10.65 -3.43 16.63
N PRO A 154 -10.29 -4.69 16.44
CA PRO A 154 -9.00 -5.03 15.80
C PRO A 154 -9.06 -4.92 14.28
N VAL A 155 -9.17 -3.66 13.82
CA VAL A 155 -9.35 -3.33 12.43
C VAL A 155 -8.56 -2.08 12.09
N PHE A 156 -8.18 -1.93 10.83
CA PHE A 156 -7.82 -0.62 10.29
C PHE A 156 -8.45 -0.47 8.93
N THR A 157 -8.63 0.77 8.49
CA THR A 157 -9.25 1.03 7.21
C THR A 157 -8.36 1.96 6.38
N ALA A 158 -8.38 1.72 5.08
CA ALA A 158 -7.68 2.54 4.10
C ALA A 158 -8.68 3.22 3.20
N ASP A 159 -8.59 4.55 3.15
CA ASP A 159 -9.48 5.37 2.30
C ASP A 159 -8.56 6.31 1.51
N LEU A 160 -7.95 5.80 0.44
CA LEU A 160 -7.00 6.53 -0.34
C LEU A 160 -7.74 7.42 -1.34
N GLY A 161 -7.22 8.63 -1.53
CA GLY A 161 -7.80 9.56 -2.47
C GLY A 161 -7.21 9.54 -3.89
N TYR A 162 -8.02 9.84 -4.90
CA TYR A 162 -7.59 10.06 -6.28
C TYR A 162 -7.13 11.50 -6.40
N HIS A 163 -5.83 11.67 -6.46
CA HIS A 163 -5.22 13.00 -6.52
C HIS A 163 -5.79 13.89 -5.42
N ALA A 164 -5.93 13.33 -4.22
CA ALA A 164 -6.55 14.02 -3.12
C ALA A 164 -6.11 13.37 -1.79
N PRO A 165 -6.17 14.09 -0.68
CA PRO A 165 -5.92 13.49 0.65
C PRO A 165 -6.99 12.45 0.99
N GLY A 166 -6.63 11.55 1.86
CA GLY A 166 -7.42 10.44 2.33
C GLY A 166 -7.10 10.15 3.77
N THR A 167 -7.52 8.97 4.25
CA THR A 167 -7.46 8.65 5.65
C THR A 167 -7.10 7.19 5.91
N TYR A 168 -6.22 6.96 6.93
CA TYR A 168 -6.07 5.67 7.55
C TYR A 168 -6.68 5.79 8.99
N ASN A 169 -7.63 4.91 9.28
CA ASN A 169 -8.21 4.81 10.61
C ASN A 169 -7.86 3.49 11.25
N PHE A 170 -7.62 3.56 12.57
CA PHE A 170 -7.32 2.36 13.36
C PHE A 170 -8.37 2.25 14.46
N GLY A 171 -9.00 1.07 14.52
CA GLY A 171 -9.87 0.75 15.63
C GLY A 171 -11.34 1.01 15.45
N PHE A 172 -11.78 1.55 14.31
CA PHE A 172 -13.19 1.86 14.08
C PHE A 172 -13.42 1.93 12.59
N ILE A 173 -14.70 1.77 12.22
CA ILE A 173 -15.21 1.88 10.87
C ILE A 173 -16.07 3.15 10.80
N ASP A 174 -15.65 4.11 10.00
CA ASP A 174 -16.40 5.35 9.79
C ASP A 174 -17.50 5.11 8.78
N THR A 175 -18.76 4.98 9.23
CA THR A 175 -19.85 4.65 8.36
C THR A 175 -20.20 5.77 7.40
N THR A 176 -19.67 6.97 7.62
CA THR A 176 -19.91 8.09 6.70
C THR A 176 -18.90 8.12 5.56
N ALA A 177 -17.91 7.26 5.54
CA ALA A 177 -16.83 7.29 4.57
C ALA A 177 -17.08 6.43 3.34
N TYR A 178 -18.18 5.73 3.30
CA TYR A 178 -18.48 4.83 2.18
C TYR A 178 -19.99 4.80 1.89
N THR A 179 -20.34 4.27 0.76
CA THR A 179 -21.72 4.14 0.33
C THR A 179 -22.07 2.65 0.32
N GLY A 180 -23.35 2.34 0.33
CA GLY A 180 -23.80 0.95 0.38
C GLY A 180 -23.27 0.23 1.61
N SER A 181 -23.01 -1.06 1.50
CA SER A 181 -22.49 -1.83 2.63
C SER A 181 -21.12 -2.40 2.28
N ILE A 182 -20.39 -2.79 3.33
CA ILE A 182 -19.12 -3.46 3.16
C ILE A 182 -19.37 -4.93 2.90
N THR A 183 -18.73 -5.49 1.88
CA THR A 183 -18.73 -6.95 1.66
C THR A 183 -17.36 -7.47 2.08
N TYR A 184 -17.38 -8.48 2.92
CA TYR A 184 -16.18 -9.14 3.42
C TYR A 184 -15.88 -10.40 2.61
N THR A 185 -14.59 -10.71 2.51
CA THR A 185 -14.11 -11.86 1.77
C THR A 185 -12.96 -12.47 2.51
N ALA A 186 -12.76 -13.77 2.37
CA ALA A 186 -11.77 -14.51 3.12
C ALA A 186 -10.35 -14.10 2.73
N VAL A 187 -9.47 -14.16 3.72
CA VAL A 187 -8.03 -13.89 3.55
C VAL A 187 -7.25 -15.14 3.83
N SER A 188 -6.26 -15.40 2.97
CA SER A 188 -5.25 -16.41 3.24
C SER A 188 -3.97 -15.70 3.71
N THR A 189 -3.41 -16.14 4.82
CA THR A 189 -2.15 -15.61 5.32
C THR A 189 -0.99 -16.51 5.04
N LYS A 190 -1.14 -17.54 4.22
CA LYS A 190 -0.11 -18.53 3.95
C LYS A 190 1.17 -17.91 3.39
N GLN A 191 1.06 -16.79 2.64
CA GLN A 191 2.20 -16.07 2.11
C GLN A 191 2.47 -14.77 2.88
N GLY A 192 1.78 -14.54 3.97
CA GLY A 192 2.00 -13.37 4.81
C GLY A 192 1.31 -12.09 4.36
N PHE A 193 0.53 -12.15 3.30
CA PHE A 193 -0.12 -10.98 2.72
C PHE A 193 -1.61 -10.98 3.06
N TRP A 194 -2.24 -9.80 2.79
CA TRP A 194 -3.71 -9.71 2.74
C TRP A 194 -4.16 -10.27 1.39
N GLU A 195 -4.10 -11.60 1.28
CA GLU A 195 -4.35 -12.31 0.03
C GLU A 195 -5.78 -12.80 0.01
N TRP A 196 -6.46 -12.58 -1.12
CA TRP A 196 -7.88 -12.88 -1.25
C TRP A 196 -8.12 -13.29 -2.71
N THR A 197 -9.35 -13.73 -2.98
CA THR A 197 -9.70 -14.15 -4.32
C THR A 197 -10.90 -13.35 -4.81
N SER A 198 -10.65 -12.49 -5.78
CA SER A 198 -11.73 -11.76 -6.45
C SER A 198 -12.55 -12.75 -7.27
N THR A 199 -13.85 -12.49 -7.35
CA THR A 199 -14.76 -13.37 -8.07
C THR A 199 -14.83 -13.12 -9.57
N GLY A 200 -14.20 -12.06 -10.09
CA GLY A 200 -14.15 -11.84 -11.49
C GLY A 200 -14.08 -10.36 -11.84
N TYR A 201 -14.38 -10.03 -13.09
CA TYR A 201 -14.19 -8.66 -13.55
C TYR A 201 -15.09 -8.36 -14.72
N ALA A 202 -15.27 -7.05 -14.97
CA ALA A 202 -15.91 -6.56 -16.18
C ALA A 202 -15.13 -5.34 -16.68
N VAL A 203 -15.15 -5.15 -17.99
CA VAL A 203 -14.55 -3.95 -18.64
C VAL A 203 -15.68 -3.05 -19.07
N GLY A 204 -15.67 -1.80 -18.61
CA GLY A 204 -16.68 -0.83 -19.00
C GLY A 204 -18.06 -1.36 -18.74
N SER A 205 -18.91 -1.21 -19.74
CA SER A 205 -20.32 -1.62 -19.68
C SER A 205 -20.56 -3.06 -20.25
N GLY A 206 -19.47 -3.84 -20.33
CA GLY A 206 -19.55 -5.20 -20.78
C GLY A 206 -19.87 -6.18 -19.68
N THR A 207 -19.76 -7.49 -20.04
CA THR A 207 -20.17 -8.56 -19.15
C THR A 207 -19.12 -8.87 -18.08
N PHE A 208 -19.63 -9.19 -16.89
CA PHE A 208 -18.83 -9.71 -15.80
C PHE A 208 -18.49 -11.19 -16.06
N LYS A 209 -17.21 -11.46 -16.05
CA LYS A 209 -16.66 -12.77 -16.26
C LYS A 209 -16.30 -13.37 -14.89
N SER A 210 -16.94 -14.47 -14.52
N SER A 210 -16.84 -14.51 -14.51
CA SER A 210 -16.62 -15.18 -13.29
CA SER A 210 -16.52 -15.02 -13.16
C SER A 210 -15.32 -15.96 -13.49
C SER A 210 -15.31 -15.91 -13.15
N THR A 211 -14.33 -15.56 -12.70
N THR A 211 -14.18 -15.38 -13.58
CA THR A 211 -13.02 -16.12 -12.80
CA THR A 211 -12.87 -16.00 -13.50
C THR A 211 -12.29 -15.78 -11.50
C THR A 211 -12.21 -15.48 -12.21
N SER A 212 -11.66 -16.77 -10.89
N SER A 212 -11.99 -16.39 -11.28
CA SER A 212 -11.00 -16.58 -9.62
CA SER A 212 -11.35 -16.14 -10.00
C SER A 212 -9.69 -15.85 -9.83
C SER A 212 -9.96 -15.56 -10.16
N ILE A 213 -9.58 -14.61 -9.29
CA ILE A 213 -8.33 -13.89 -9.39
C ILE A 213 -7.76 -13.79 -7.97
N ASP A 214 -6.75 -14.65 -7.68
CA ASP A 214 -6.05 -14.60 -6.41
C ASP A 214 -5.07 -13.44 -6.42
N GLY A 215 -5.14 -12.55 -5.45
CA GLY A 215 -4.22 -11.45 -5.41
C GLY A 215 -4.14 -10.86 -4.03
N ILE A 216 -3.34 -9.80 -3.91
CA ILE A 216 -3.10 -9.18 -2.59
C ILE A 216 -3.57 -7.74 -2.60
N ALA A 217 -4.07 -7.28 -1.45
CA ALA A 217 -4.41 -5.86 -1.25
C ALA A 217 -3.16 -5.15 -0.75
N ASP A 218 -2.55 -4.31 -1.59
CA ASP A 218 -1.22 -3.76 -1.36
C ASP A 218 -1.17 -2.24 -1.54
N THR A 219 -1.29 -1.48 -0.44
CA THR A 219 -1.25 -0.04 -0.51
C THR A 219 0.10 0.49 -0.91
N GLY A 220 1.17 -0.32 -0.82
CA GLY A 220 2.50 0.07 -1.21
C GLY A 220 2.83 -0.17 -2.66
N THR A 221 1.90 -0.63 -3.49
CA THR A 221 2.07 -0.81 -4.92
C THR A 221 1.19 0.25 -5.60
N THR A 222 1.71 0.92 -6.61
CA THR A 222 1.01 2.02 -7.25
C THR A 222 -0.17 1.55 -8.14
N LEU A 223 0.12 0.55 -8.96
CA LEU A 223 -0.79 0.15 -10.05
C LEU A 223 -1.61 -1.11 -9.68
N LEU A 224 -2.51 -1.44 -10.60
CA LEU A 224 -3.34 -2.66 -10.54
C LEU A 224 -2.72 -3.67 -11.49
N TYR A 225 -2.19 -4.77 -10.95
CA TYR A 225 -1.53 -5.83 -11.71
C TYR A 225 -2.40 -7.05 -11.73
N LEU A 226 -2.85 -7.45 -12.93
CA LEU A 226 -3.83 -8.53 -13.08
C LEU A 226 -3.36 -9.50 -14.16
N PRO A 227 -4.05 -10.65 -14.31
CA PRO A 227 -3.58 -11.62 -15.27
C PRO A 227 -3.53 -11.07 -16.68
N ALA A 228 -2.59 -11.59 -17.48
CA ALA A 228 -2.37 -11.08 -18.81
C ALA A 228 -3.65 -11.08 -19.63
N THR A 229 -4.48 -12.12 -19.55
CA THR A 229 -5.69 -12.20 -20.37
C THR A 229 -6.72 -11.14 -19.97
N VAL A 230 -6.78 -10.85 -18.67
CA VAL A 230 -7.69 -9.85 -18.13
C VAL A 230 -7.26 -8.44 -18.60
N VAL A 231 -5.96 -8.19 -18.48
CA VAL A 231 -5.39 -6.88 -18.89
C VAL A 231 -5.55 -6.68 -20.39
N SER A 232 -5.33 -7.72 -21.19
CA SER A 232 -5.54 -7.63 -22.62
C SER A 232 -6.98 -7.31 -22.96
N ALA A 233 -7.94 -7.93 -22.23
CA ALA A 233 -9.36 -7.67 -22.45
C ALA A 233 -9.67 -6.18 -22.16
N TYR A 234 -9.07 -5.61 -21.14
CA TYR A 234 -9.30 -4.23 -20.82
C TYR A 234 -8.80 -3.31 -21.96
N TRP A 235 -7.51 -3.46 -22.33
CA TRP A 235 -6.92 -2.54 -23.29
C TRP A 235 -7.43 -2.77 -24.69
N ALA A 236 -8.05 -3.92 -24.99
CA ALA A 236 -8.75 -4.14 -26.25
C ALA A 236 -9.86 -3.12 -26.46
N GLN A 237 -10.40 -2.56 -25.38
CA GLN A 237 -11.48 -1.58 -25.48
C GLN A 237 -10.95 -0.12 -25.52
N VAL A 238 -9.65 0.06 -25.74
CA VAL A 238 -9.04 1.40 -25.80
C VAL A 238 -8.31 1.45 -27.16
N SER A 239 -8.85 2.24 -28.10
CA SER A 239 -8.46 2.08 -29.50
C SER A 239 -6.98 2.44 -29.77
N GLY A 240 -6.43 3.39 -29.01
CA GLY A 240 -5.03 3.73 -29.20
C GLY A 240 -4.07 2.99 -28.34
N ALA A 241 -4.53 2.06 -27.47
CA ALA A 241 -3.63 1.41 -26.54
C ALA A 241 -2.83 0.31 -27.18
N LYS A 242 -1.57 0.24 -26.77
CA LYS A 242 -0.66 -0.79 -27.26
C LYS A 242 0.30 -1.13 -26.15
N SER A 243 0.83 -2.34 -26.15
CA SER A 243 1.90 -2.66 -25.24
C SER A 243 3.21 -2.13 -25.81
N SER A 244 3.98 -1.45 -24.98
CA SER A 244 5.25 -0.88 -25.34
C SER A 244 6.37 -1.61 -24.63
N SER A 245 7.18 -2.27 -25.42
CA SER A 245 8.31 -3.01 -24.85
C SER A 245 9.27 -2.01 -24.22
N SER A 246 9.55 -0.87 -24.78
CA SER A 246 10.54 0.04 -24.27
C SER A 246 10.03 0.77 -23.01
N VAL A 247 8.77 1.18 -22.96
CA VAL A 247 8.24 1.88 -21.81
C VAL A 247 7.94 0.96 -20.64
N GLY A 248 7.64 -0.28 -20.95
CA GLY A 248 7.39 -1.31 -19.99
C GLY A 248 5.97 -1.59 -19.62
N GLY A 249 5.02 -1.43 -20.53
CA GLY A 249 3.64 -1.73 -20.29
C GLY A 249 2.75 -1.11 -21.34
N TYR A 250 1.45 -1.21 -21.10
CA TYR A 250 0.48 -0.60 -21.97
C TYR A 250 0.51 0.93 -21.84
N VAL A 251 0.51 1.58 -23.00
CA VAL A 251 0.46 3.03 -23.19
C VAL A 251 -0.72 3.32 -24.10
N PHE A 252 -1.24 4.54 -24.02
CA PHE A 252 -2.41 4.92 -24.79
C PHE A 252 -2.41 6.43 -24.93
N PRO A 253 -3.23 6.97 -25.84
CA PRO A 253 -3.27 8.45 -25.99
C PRO A 253 -3.91 9.10 -24.80
N CYS A 254 -3.24 10.13 -24.23
CA CYS A 254 -3.78 10.83 -23.07
C CYS A 254 -5.20 11.41 -23.30
N SER A 255 -5.57 11.69 -24.52
CA SER A 255 -6.88 12.21 -24.86
C SER A 255 -8.01 11.20 -24.83
N ALA A 256 -7.73 9.94 -24.68
CA ALA A 256 -8.73 8.87 -24.63
C ALA A 256 -9.59 9.04 -23.41
N THR A 257 -10.88 8.69 -23.53
CA THR A 257 -11.71 8.57 -22.35
C THR A 257 -11.81 7.09 -22.04
N LEU A 258 -11.18 6.64 -21.01
CA LEU A 258 -10.99 5.20 -20.72
C LEU A 258 -12.25 4.60 -20.14
N PRO A 259 -12.51 3.31 -20.42
CA PRO A 259 -13.61 2.61 -19.77
C PRO A 259 -13.27 2.36 -18.29
N SER A 260 -14.30 2.20 -17.49
CA SER A 260 -14.12 1.74 -16.12
C SER A 260 -13.67 0.27 -16.11
N PHE A 261 -13.22 -0.18 -14.91
CA PHE A 261 -12.88 -1.58 -14.69
C PHE A 261 -13.55 -1.99 -13.39
N THR A 262 -14.34 -3.07 -13.44
CA THR A 262 -15.03 -3.54 -12.25
C THR A 262 -14.43 -4.86 -11.78
N PHE A 263 -14.19 -4.96 -10.48
CA PHE A 263 -13.76 -6.25 -9.92
C PHE A 263 -14.77 -6.73 -8.90
N GLY A 264 -14.86 -8.07 -8.78
CA GLY A 264 -15.81 -8.69 -7.88
C GLY A 264 -15.24 -8.95 -6.50
N VAL A 265 -16.10 -8.71 -5.49
CA VAL A 265 -15.81 -9.05 -4.10
C VAL A 265 -17.02 -9.85 -3.65
N GLY A 266 -16.90 -11.19 -3.65
CA GLY A 266 -18.13 -11.96 -3.51
C GLY A 266 -19.13 -11.58 -4.59
N SER A 267 -20.36 -11.34 -4.17
CA SER A 267 -21.44 -10.87 -5.03
C SER A 267 -21.39 -9.38 -5.33
N ALA A 268 -20.56 -8.67 -4.62
CA ALA A 268 -20.47 -7.21 -4.74
C ALA A 268 -19.48 -6.84 -5.86
N ARG A 269 -19.54 -5.57 -6.25
CA ARG A 269 -18.76 -5.08 -7.36
C ARG A 269 -18.13 -3.73 -6.97
N ILE A 270 -16.85 -3.57 -7.23
CA ILE A 270 -16.14 -2.28 -7.05
C ILE A 270 -15.80 -1.76 -8.44
N VAL A 271 -16.23 -0.54 -8.72
CA VAL A 271 -16.01 0.06 -10.03
C VAL A 271 -14.86 1.08 -9.94
N ILE A 272 -13.80 0.81 -10.67
CA ILE A 272 -12.69 1.75 -10.80
C ILE A 272 -13.01 2.68 -11.97
N PRO A 273 -13.20 4.00 -11.74
CA PRO A 273 -13.48 4.90 -12.87
C PRO A 273 -12.35 4.88 -13.88
N GLY A 274 -12.70 5.08 -15.15
CA GLY A 274 -11.69 5.13 -16.18
C GLY A 274 -10.60 6.12 -15.93
N ASP A 275 -10.94 7.29 -15.38
CA ASP A 275 -9.92 8.31 -15.12
C ASP A 275 -8.83 7.81 -14.19
N TYR A 276 -9.16 6.88 -13.27
CA TYR A 276 -8.17 6.36 -12.32
C TYR A 276 -7.13 5.49 -13.03
N ILE A 277 -7.52 4.95 -14.20
CA ILE A 277 -6.68 4.04 -14.98
C ILE A 277 -5.77 4.82 -15.90
N ASP A 278 -6.01 6.10 -16.07
CA ASP A 278 -5.06 6.96 -16.74
C ASP A 278 -4.00 7.33 -15.72
N PHE A 279 -2.88 6.66 -15.62
N PHE A 279 -2.87 6.69 -15.82
CA PHE A 279 -1.89 6.92 -14.55
CA PHE A 279 -1.80 6.98 -14.88
C PHE A 279 -1.27 8.30 -14.74
C PHE A 279 -0.93 8.13 -15.28
N GLY A 280 -0.80 8.59 -15.96
N GLY A 280 -1.37 8.87 -16.32
CA GLY A 280 -0.31 9.89 -16.32
CA GLY A 280 -0.71 10.09 -16.64
C GLY A 280 0.51 9.92 -17.58
C GLY A 280 0.41 9.94 -17.63
N PRO A 281 0.92 11.08 -18.06
CA PRO A 281 1.81 11.15 -19.23
C PRO A 281 3.13 10.44 -18.98
N ILE A 282 3.72 9.85 -19.99
CA ILE A 282 4.99 9.13 -19.85
C ILE A 282 6.10 10.12 -19.49
N SER A 283 5.98 11.37 -20.00
CA SER A 283 6.81 12.50 -19.58
C SER A 283 5.92 13.75 -19.64
N THR A 284 6.22 14.80 -18.94
CA THR A 284 5.46 16.01 -19.00
C THR A 284 5.32 16.49 -20.44
N GLY A 285 4.10 16.73 -20.85
CA GLY A 285 3.77 17.19 -22.19
C GLY A 285 3.66 16.14 -23.24
N SER A 286 3.90 14.89 -22.89
CA SER A 286 3.71 13.80 -23.83
C SER A 286 2.25 13.68 -24.24
N SER A 287 2.03 13.19 -25.45
CA SER A 287 0.70 12.79 -25.91
C SER A 287 0.30 11.38 -25.50
N SER A 288 1.16 10.60 -25.03
CA SER A 288 1.12 9.23 -24.55
C SER A 288 1.11 9.15 -23.04
N CYS A 289 0.20 8.32 -22.57
CA CYS A 289 -0.06 8.12 -21.16
C CYS A 289 0.21 6.63 -20.83
N PHE A 290 0.63 6.42 -19.59
CA PHE A 290 0.86 5.05 -19.08
C PHE A 290 -0.40 4.53 -18.41
N GLY A 291 -0.72 3.24 -18.70
CA GLY A 291 -1.88 2.64 -18.12
C GLY A 291 -1.73 2.27 -16.65
N GLY A 292 -2.86 2.39 -15.94
CA GLY A 292 -2.88 2.03 -14.53
C GLY A 292 -3.19 0.57 -14.22
N ILE A 293 -3.55 -0.19 -15.27
CA ILE A 293 -3.78 -1.63 -15.21
C ILE A 293 -2.72 -2.25 -16.12
N GLN A 294 -1.94 -3.16 -15.53
CA GLN A 294 -0.81 -3.78 -16.23
C GLN A 294 -0.77 -5.27 -15.88
N SER A 295 -0.09 -6.06 -16.73
CA SER A 295 -0.02 -7.49 -16.50
C SER A 295 0.84 -7.83 -15.27
N SER A 296 0.37 -8.80 -14.51
CA SER A 296 1.09 -9.35 -13.36
C SER A 296 2.06 -10.45 -13.76
N ALA A 297 2.21 -10.77 -15.03
CA ALA A 297 3.00 -11.93 -15.41
C ALA A 297 4.44 -11.80 -14.90
N GLY A 298 5.06 -10.61 -14.98
CA GLY A 298 6.47 -10.40 -14.58
C GLY A 298 6.64 -10.45 -13.07
N ILE A 299 5.61 -10.18 -12.30
CA ILE A 299 5.62 -10.19 -10.84
C ILE A 299 5.31 -11.54 -10.22
N GLY A 300 4.45 -12.31 -10.85
CA GLY A 300 4.08 -13.61 -10.41
C GLY A 300 3.00 -13.66 -9.38
N ILE A 301 2.41 -12.51 -9.05
CA ILE A 301 1.29 -12.41 -8.13
C ILE A 301 0.44 -11.25 -8.63
N ASN A 302 -0.90 -11.40 -8.53
CA ASN A 302 -1.79 -10.31 -8.83
C ASN A 302 -1.80 -9.33 -7.65
N ILE A 303 -1.81 -8.04 -7.97
CA ILE A 303 -1.69 -7.01 -6.92
C ILE A 303 -2.77 -5.96 -7.12
N PHE A 304 -3.68 -5.88 -6.16
CA PHE A 304 -4.66 -4.81 -6.05
C PHE A 304 -3.95 -3.65 -5.34
N GLY A 305 -3.21 -2.87 -6.14
CA GLY A 305 -2.50 -1.71 -5.65
C GLY A 305 -3.37 -0.47 -5.64
N ASP A 306 -2.71 0.69 -5.50
CA ASP A 306 -3.44 1.93 -5.22
C ASP A 306 -4.49 2.26 -6.27
N VAL A 307 -4.24 2.00 -7.56
CA VAL A 307 -5.26 2.25 -8.59
C VAL A 307 -6.62 1.62 -8.23
N ALA A 308 -6.56 0.35 -7.75
CA ALA A 308 -7.79 -0.31 -7.32
C ALA A 308 -8.27 0.17 -5.96
N LEU A 309 -7.35 0.22 -4.96
CA LEU A 309 -7.76 0.49 -3.61
C LEU A 309 -8.35 1.87 -3.45
N LYS A 310 -7.86 2.86 -4.21
CA LYS A 310 -8.36 4.22 -4.06
C LYS A 310 -9.79 4.36 -4.57
N ALA A 311 -10.33 3.37 -5.30
CA ALA A 311 -11.74 3.37 -5.70
C ALA A 311 -12.64 2.79 -4.62
N ALA A 312 -12.12 2.39 -3.49
CA ALA A 312 -12.90 1.68 -2.48
C ALA A 312 -12.56 2.22 -1.09
N PHE A 313 -13.44 1.91 -0.15
CA PHE A 313 -13.17 1.98 1.29
C PHE A 313 -12.82 0.55 1.69
N VAL A 314 -11.60 0.35 2.21
CA VAL A 314 -11.10 -1.00 2.40
C VAL A 314 -10.86 -1.26 3.89
N VAL A 315 -11.44 -2.33 4.40
CA VAL A 315 -11.35 -2.75 5.78
C VAL A 315 -10.42 -3.93 5.92
N PHE A 316 -9.36 -3.74 6.72
CA PHE A 316 -8.41 -4.77 7.02
C PHE A 316 -8.77 -5.26 8.42
N ASN A 317 -9.52 -6.40 8.45
CA ASN A 317 -10.02 -6.96 9.70
C ASN A 317 -8.99 -7.93 10.25
N GLY A 318 -8.33 -7.55 11.33
CA GLY A 318 -7.24 -8.30 11.87
C GLY A 318 -7.61 -9.13 13.06
N ALA A 319 -8.87 -9.57 13.11
CA ALA A 319 -9.24 -10.60 14.02
C ALA A 319 -8.37 -11.87 13.71
N THR A 320 -8.55 -12.82 14.68
CA THR A 320 -7.67 -14.00 14.64
C THR A 320 -7.77 -14.78 13.34
N THR A 321 -9.03 -14.79 12.82
CA THR A 321 -9.18 -15.18 11.42
C THR A 321 -9.40 -13.88 10.65
N PRO A 322 -8.43 -13.37 9.94
CA PRO A 322 -8.57 -12.06 9.27
C PRO A 322 -9.49 -12.17 8.07
N THR A 323 -10.09 -11.04 7.71
CA THR A 323 -10.86 -10.90 6.49
C THR A 323 -10.60 -9.51 5.90
N LEU A 324 -11.02 -9.34 4.67
CA LEU A 324 -10.91 -8.06 3.97
C LEU A 324 -12.27 -7.61 3.56
N GLY A 325 -12.59 -6.34 3.80
CA GLY A 325 -13.87 -5.77 3.39
C GLY A 325 -13.66 -4.69 2.36
N PHE A 326 -14.60 -4.61 1.40
CA PHE A 326 -14.61 -3.53 0.42
C PHE A 326 -15.99 -2.90 0.38
N ALA A 327 -16.04 -1.58 0.32
CA ALA A 327 -17.25 -0.83 0.01
C ALA A 327 -16.93 0.18 -1.08
N SER A 328 -17.97 0.48 -1.87
CA SER A 328 -17.92 1.63 -2.75
C SER A 328 -17.87 2.94 -1.96
N LYS A 329 -17.45 4.02 -2.61
CA LYS A 329 -17.42 5.31 -1.92
C LYS A 329 -17.61 6.44 -2.88
#